data_7HS5
#
_entry.id   7HS5
#
_cell.length_a   99.152
_cell.length_b   99.199
_cell.length_c   127.849
_cell.angle_alpha   90.00
_cell.angle_beta   90.00
_cell.angle_gamma   90.00
#
_symmetry.space_group_name_H-M   'I 2 2 2'
#
loop_
_entity.id
_entity.type
_entity.pdbx_description
1 polymer 'Oleoyl-acyl carrier protein thioesterase 1, chloroplastic'
2 non-polymer (3M)-3-(2-methyl-1H-imidazol-1-yl)pyridine
3 non-polymer 'SULFATE ION'
4 water water
#
_entity_poly.entity_id   1
_entity_poly.type   'polypeptide(L)'
_entity_poly.pdbx_seq_one_letter_code
;MGSLTEDGLSYKEKFVVRSYEVGSNKTATVETIANLLQEVGCNHAQSVGFSTDGFATTTTMRKLHLIWVTARMHIEIYKY
PAWGDVVEIETWCQSEGRIGTRRDWILKDSVTGEVTGRATSKWVMMNQDTRRLQKVSDDVRDEYLVFCPQEPRLAFPEEN
NRSLKKIPKLEDPAQYSMIGLKPRRADLDMNQHVNNVTYIGWVLESIPQEIVDTHELQVITLDYRRECQQDDVVDSLTTT
TSEIGGTNGSATSGTQGHNDSQFLHLLRLSGDGQEINRGTTLWRKKPSSHHHHHH
;
_entity_poly.pdbx_strand_id   A,B
#
loop_
_chem_comp.id
_chem_comp.type
_chem_comp.name
_chem_comp.formula
SO4 non-polymer 'SULFATE ION' 'O4 S -2'
YZK non-polymer (3M)-3-(2-methyl-1H-imidazol-1-yl)pyridine 'C9 H9 N3'
#
# COMPACT_ATOMS: atom_id res chain seq x y z
N GLY A 2 -0.90 -19.54 4.91
CA GLY A 2 -1.99 -19.96 4.05
C GLY A 2 -1.87 -21.42 3.65
N SER A 3 -2.99 -22.02 3.23
CA SER A 3 -2.97 -23.41 2.83
C SER A 3 -4.12 -23.81 1.95
N LEU A 4 -3.88 -24.79 1.05
CA LEU A 4 -4.93 -25.42 0.26
C LEU A 4 -5.84 -26.17 1.25
N THR A 5 -7.14 -26.26 0.94
CA THR A 5 -8.08 -27.00 1.78
C THR A 5 -7.84 -28.53 1.64
N GLU A 6 -8.57 -29.34 2.39
CA GLU A 6 -8.41 -30.79 2.37
C GLU A 6 -8.49 -31.40 0.95
N ASP A 7 -9.48 -30.99 0.15
CA ASP A 7 -9.65 -31.52 -1.20
C ASP A 7 -8.67 -30.93 -2.26
N GLY A 8 -7.94 -29.88 -1.91
CA GLY A 8 -6.99 -29.25 -2.82
C GLY A 8 -7.63 -28.41 -3.92
N LEU A 9 -8.94 -28.13 -3.80
CA LEU A 9 -9.69 -27.36 -4.82
C LEU A 9 -9.93 -25.88 -4.44
N SER A 10 -9.43 -25.44 -3.29
CA SER A 10 -9.52 -24.04 -2.85
C SER A 10 -8.37 -23.73 -1.87
N TYR A 11 -8.19 -22.46 -1.51
CA TYR A 11 -7.07 -22.03 -0.68
C TYR A 11 -7.54 -21.03 0.37
N LYS A 12 -7.01 -21.13 1.60
CA LYS A 12 -7.37 -20.22 2.69
C LYS A 12 -6.17 -19.51 3.25
N GLU A 13 -6.34 -18.26 3.65
CA GLU A 13 -5.28 -17.48 4.26
C GLU A 13 -5.85 -16.47 5.27
N LYS A 14 -5.17 -16.31 6.40
CA LYS A 14 -5.57 -15.36 7.43
C LYS A 14 -4.66 -14.12 7.36
N PHE A 15 -5.24 -12.95 7.60
CA PHE A 15 -4.53 -11.66 7.57
C PHE A 15 -4.92 -10.83 8.79
N VAL A 16 -3.93 -10.22 9.44
CA VAL A 16 -4.17 -9.32 10.55
C VAL A 16 -4.16 -7.92 9.90
N VAL A 17 -5.25 -7.15 10.05
CA VAL A 17 -5.34 -5.83 9.42
C VAL A 17 -4.34 -4.82 10.06
N ARG A 18 -3.53 -4.19 9.23
CA ARG A 18 -2.47 -3.25 9.64
C ARG A 18 -2.95 -1.82 9.87
N SER A 19 -2.22 -1.07 10.70
CA SER A 19 -2.50 0.34 11.00
C SER A 19 -2.63 1.20 9.75
N TYR A 20 -1.71 1.06 8.76
CA TYR A 20 -1.76 1.88 7.55
C TYR A 20 -2.81 1.40 6.51
N GLU A 21 -3.39 0.22 6.74
CA GLU A 21 -4.40 -0.34 5.85
C GLU A 21 -5.82 0.19 6.13
N VAL A 22 -6.02 0.94 7.22
CA VAL A 22 -7.37 1.41 7.56
C VAL A 22 -7.60 2.90 7.25
N GLY A 23 -8.88 3.22 7.00
CA GLY A 23 -9.36 4.57 6.74
C GLY A 23 -9.85 5.26 8.00
N SER A 24 -10.61 6.37 7.83
N SER A 24 -10.60 6.37 7.82
N SER A 24 -10.61 6.37 7.83
CA SER A 24 -11.15 7.21 8.90
CA SER A 24 -11.13 7.22 8.91
CA SER A 24 -11.15 7.21 8.90
C SER A 24 -12.02 6.47 9.91
C SER A 24 -12.07 6.50 9.89
C SER A 24 -12.02 6.47 9.91
N ASN A 25 -12.66 5.36 9.49
CA ASN A 25 -13.53 4.56 10.36
C ASN A 25 -12.76 3.51 11.20
N LYS A 26 -11.41 3.48 11.08
CA LYS A 26 -10.55 2.51 11.73
C LYS A 26 -10.82 1.07 11.26
N THR A 27 -11.35 0.91 10.02
CA THR A 27 -11.58 -0.39 9.38
C THR A 27 -10.89 -0.39 7.99
N ALA A 28 -10.56 -1.57 7.47
CA ALA A 28 -9.86 -1.75 6.21
C ALA A 28 -10.53 -1.05 5.03
N THR A 29 -9.76 -0.36 4.18
CA THR A 29 -10.32 0.28 2.99
C THR A 29 -10.67 -0.81 1.97
N VAL A 30 -11.51 -0.48 0.96
CA VAL A 30 -11.80 -1.44 -0.10
C VAL A 30 -10.54 -1.76 -0.92
N GLU A 31 -9.57 -0.82 -0.98
CA GLU A 31 -8.31 -1.08 -1.66
C GLU A 31 -7.47 -2.06 -0.86
N THR A 32 -7.54 -2.03 0.49
CA THR A 32 -6.83 -3.03 1.31
C THR A 32 -7.44 -4.39 1.06
N ILE A 33 -8.79 -4.46 1.06
CA ILE A 33 -9.50 -5.69 0.75
C ILE A 33 -9.08 -6.25 -0.62
N ALA A 34 -9.10 -5.40 -1.66
CA ALA A 34 -8.70 -5.80 -3.03
C ALA A 34 -7.24 -6.27 -3.11
N ASN A 35 -6.32 -5.68 -2.33
CA ASN A 35 -4.90 -6.14 -2.30
C ASN A 35 -4.82 -7.54 -1.65
N LEU A 36 -5.61 -7.78 -0.59
CA LEU A 36 -5.67 -9.08 0.12
C LEU A 36 -6.24 -10.16 -0.77
N LEU A 37 -7.26 -9.82 -1.59
CA LEU A 37 -7.85 -10.74 -2.56
C LEU A 37 -6.75 -11.17 -3.57
N GLN A 38 -6.01 -10.18 -4.13
CA GLN A 38 -4.93 -10.42 -5.09
C GLN A 38 -3.85 -11.31 -4.48
N GLU A 39 -3.45 -11.03 -3.24
CA GLU A 39 -2.43 -11.79 -2.50
C GLU A 39 -2.81 -13.26 -2.28
N VAL A 40 -4.04 -13.51 -1.79
CA VAL A 40 -4.49 -14.89 -1.58
C VAL A 40 -4.62 -15.63 -2.95
N GLY A 41 -5.00 -14.91 -4.01
CA GLY A 41 -5.07 -15.46 -5.36
C GLY A 41 -3.69 -15.93 -5.84
N CYS A 42 -2.66 -15.09 -5.59
N CYS A 42 -2.66 -15.10 -5.59
N CYS A 42 -2.66 -15.09 -5.59
CA CYS A 42 -1.27 -15.37 -5.96
CA CYS A 42 -1.30 -15.40 -5.97
CA CYS A 42 -1.27 -15.37 -5.96
C CYS A 42 -0.72 -16.55 -5.15
C CYS A 42 -0.73 -16.56 -5.16
C CYS A 42 -0.72 -16.55 -5.15
N ASN A 43 -1.07 -16.65 -3.86
CA ASN A 43 -0.61 -17.74 -3.00
C ASN A 43 -1.27 -19.08 -3.38
N HIS A 44 -2.51 -19.04 -3.87
CA HIS A 44 -3.22 -20.20 -4.35
C HIS A 44 -2.50 -20.74 -5.62
N ALA A 45 -2.25 -19.86 -6.61
CA ALA A 45 -1.54 -20.22 -7.85
C ALA A 45 -0.16 -20.83 -7.56
N GLN A 46 0.61 -20.25 -6.65
CA GLN A 46 1.92 -20.76 -6.28
C GLN A 46 1.88 -22.14 -5.63
N SER A 47 0.88 -22.38 -4.78
N SER A 47 0.88 -22.38 -4.78
N SER A 47 0.88 -22.38 -4.78
CA SER A 47 0.73 -23.64 -4.05
CA SER A 47 0.73 -23.64 -4.06
CA SER A 47 0.73 -23.64 -4.05
C SER A 47 0.44 -24.86 -4.93
C SER A 47 0.45 -24.85 -4.94
C SER A 47 0.44 -24.86 -4.93
N VAL A 48 -0.06 -24.64 -6.15
CA VAL A 48 -0.37 -25.75 -7.06
C VAL A 48 0.54 -25.81 -8.31
N GLY A 49 1.64 -25.08 -8.31
CA GLY A 49 2.60 -25.15 -9.41
C GLY A 49 2.64 -24.06 -10.45
N PHE A 50 1.77 -23.03 -10.33
CA PHE A 50 1.80 -21.92 -11.29
C PHE A 50 2.71 -20.82 -10.74
N SER A 51 3.66 -20.33 -11.55
CA SER A 51 4.63 -19.35 -11.06
C SER A 51 4.83 -18.17 -11.99
N PHE A 55 3.52 -14.29 -13.40
CA PHE A 55 2.13 -14.49 -13.82
C PHE A 55 1.64 -15.90 -13.52
N ALA A 56 0.33 -16.07 -13.30
CA ALA A 56 -0.24 -17.39 -13.09
C ALA A 56 -0.57 -17.93 -14.47
N THR A 57 0.32 -18.75 -15.05
CA THR A 57 0.15 -19.29 -16.40
C THR A 57 0.37 -20.79 -16.44
N THR A 58 -0.31 -21.47 -17.37
CA THR A 58 -0.08 -22.91 -17.58
C THR A 58 1.18 -23.09 -18.49
N THR A 59 1.61 -24.33 -18.77
CA THR A 59 2.78 -24.56 -19.60
C THR A 59 2.55 -24.06 -21.02
N THR A 60 1.41 -24.43 -21.64
CA THR A 60 1.06 -23.97 -22.98
C THR A 60 0.97 -22.43 -23.06
N MET A 61 0.45 -21.77 -22.00
CA MET A 61 0.38 -20.30 -21.97
C MET A 61 1.78 -19.68 -22.08
N ARG A 62 2.78 -20.24 -21.38
CA ARG A 62 4.15 -19.72 -21.46
C ARG A 62 4.73 -19.87 -22.88
N LYS A 63 4.50 -21.04 -23.50
CA LYS A 63 4.95 -21.36 -24.85
C LYS A 63 4.35 -20.39 -25.88
N LEU A 64 3.07 -20.04 -25.72
CA LEU A 64 2.40 -19.16 -26.67
C LEU A 64 2.40 -17.68 -26.28
N HIS A 65 3.15 -17.29 -25.22
CA HIS A 65 3.24 -15.91 -24.70
C HIS A 65 1.84 -15.36 -24.31
N LEU A 66 0.99 -16.20 -23.68
CA LEU A 66 -0.34 -15.79 -23.25
C LEU A 66 -0.39 -15.56 -21.76
N ILE A 67 -1.20 -14.58 -21.31
CA ILE A 67 -1.44 -14.25 -19.91
C ILE A 67 -2.95 -14.06 -19.62
N TRP A 68 -3.33 -14.18 -18.35
CA TRP A 68 -4.70 -13.91 -17.91
C TRP A 68 -4.74 -12.44 -17.51
N VAL A 69 -5.74 -11.69 -17.98
CA VAL A 69 -5.92 -10.30 -17.55
C VAL A 69 -7.34 -10.11 -17.01
N THR A 70 -7.53 -9.18 -16.06
CA THR A 70 -8.88 -8.97 -15.49
C THR A 70 -9.79 -8.20 -16.44
N ALA A 71 -10.99 -8.71 -16.63
CA ALA A 71 -12.02 -8.07 -17.43
C ALA A 71 -13.05 -7.42 -16.48
N ARG A 72 -13.33 -8.03 -15.33
CA ARG A 72 -14.28 -7.50 -14.36
C ARG A 72 -13.92 -7.95 -12.95
N MET A 73 -14.12 -7.04 -11.99
CA MET A 73 -13.97 -7.26 -10.57
C MET A 73 -15.29 -6.80 -9.90
N HIS A 74 -15.87 -7.63 -9.05
CA HIS A 74 -17.10 -7.29 -8.35
C HIS A 74 -16.90 -7.68 -6.87
N ILE A 75 -17.07 -6.72 -5.95
CA ILE A 75 -16.84 -6.93 -4.53
C ILE A 75 -18.03 -6.40 -3.71
N GLU A 76 -18.51 -7.21 -2.75
CA GLU A 76 -19.57 -6.84 -1.82
C GLU A 76 -19.10 -7.04 -0.38
N ILE A 77 -19.07 -5.95 0.40
CA ILE A 77 -18.63 -6.03 1.78
C ILE A 77 -19.79 -5.68 2.72
N TYR A 78 -20.05 -6.55 3.70
CA TYR A 78 -21.08 -6.35 4.72
C TYR A 78 -20.43 -5.69 5.96
N LYS A 79 -19.20 -6.10 6.30
CA LYS A 79 -18.46 -5.53 7.43
C LYS A 79 -16.99 -5.41 7.07
N TYR A 80 -16.41 -4.22 7.23
CA TYR A 80 -14.98 -4.02 6.99
C TYR A 80 -14.24 -4.38 8.28
N PRO A 81 -13.19 -5.23 8.20
CA PRO A 81 -12.49 -5.62 9.43
C PRO A 81 -11.73 -4.46 10.06
N ALA A 82 -11.79 -4.37 11.38
CA ALA A 82 -11.11 -3.30 12.09
C ALA A 82 -9.60 -3.58 12.17
N TRP A 83 -8.82 -2.52 12.39
CA TRP A 83 -7.39 -2.55 12.63
C TRP A 83 -7.06 -3.54 13.80
N GLY A 84 -6.21 -4.52 13.50
CA GLY A 84 -5.84 -5.55 14.46
C GLY A 84 -6.71 -6.80 14.40
N ASP A 85 -7.80 -6.76 13.61
CA ASP A 85 -8.67 -7.92 13.46
C ASP A 85 -8.08 -8.93 12.47
N VAL A 86 -8.46 -10.19 12.61
CA VAL A 86 -8.01 -11.26 11.74
C VAL A 86 -9.13 -11.58 10.76
N VAL A 87 -8.86 -11.45 9.46
CA VAL A 87 -9.84 -11.79 8.44
C VAL A 87 -9.36 -13.06 7.71
N GLU A 88 -10.27 -14.02 7.48
CA GLU A 88 -9.88 -15.25 6.76
C GLU A 88 -10.48 -15.22 5.37
N ILE A 89 -9.67 -15.43 4.34
CA ILE A 89 -10.15 -15.40 2.96
C ILE A 89 -10.00 -16.75 2.26
N GLU A 90 -11.10 -17.24 1.67
CA GLU A 90 -11.05 -18.48 0.90
C GLU A 90 -11.18 -18.15 -0.58
N THR A 91 -10.37 -18.78 -1.45
CA THR A 91 -10.42 -18.50 -2.89
C THR A 91 -10.35 -19.78 -3.71
N TRP A 92 -10.93 -19.71 -4.89
CA TRP A 92 -10.95 -20.81 -5.83
C TRP A 92 -11.17 -20.28 -7.24
N CYS A 93 -10.80 -21.11 -8.23
CA CYS A 93 -10.94 -20.83 -9.65
C CYS A 93 -11.95 -21.75 -10.26
N GLN A 94 -12.60 -21.28 -11.31
CA GLN A 94 -13.52 -22.09 -12.07
C GLN A 94 -13.39 -21.78 -13.53
N SER A 95 -13.45 -22.83 -14.35
CA SER A 95 -13.40 -22.66 -15.79
C SER A 95 -14.78 -22.18 -16.26
N GLU A 96 -14.79 -21.24 -17.20
CA GLU A 96 -16.02 -20.77 -17.80
C GLU A 96 -15.96 -21.09 -19.29
N GLY A 97 -15.66 -22.36 -19.60
CA GLY A 97 -15.47 -22.84 -20.96
C GLY A 97 -14.39 -22.08 -21.70
N ARG A 98 -14.66 -21.75 -22.97
CA ARG A 98 -13.73 -21.00 -23.81
C ARG A 98 -13.72 -19.50 -23.54
N ILE A 99 -14.71 -18.96 -22.81
CA ILE A 99 -14.78 -17.53 -22.55
C ILE A 99 -13.57 -17.04 -21.74
N GLY A 100 -13.21 -17.80 -20.72
CA GLY A 100 -12.10 -17.48 -19.82
C GLY A 100 -12.25 -18.21 -18.50
N THR A 101 -11.70 -17.64 -17.44
CA THR A 101 -11.80 -18.21 -16.10
C THR A 101 -12.42 -17.18 -15.15
N ARG A 102 -12.81 -17.65 -13.97
CA ARG A 102 -13.38 -16.86 -12.91
C ARG A 102 -12.61 -17.18 -11.61
N ARG A 103 -12.25 -16.15 -10.83
CA ARG A 103 -11.67 -16.39 -9.52
C ARG A 103 -12.65 -15.79 -8.53
N ASP A 104 -13.10 -16.60 -7.54
CA ASP A 104 -14.06 -16.18 -6.52
C ASP A 104 -13.44 -16.15 -5.11
N TRP A 105 -13.99 -15.35 -4.20
CA TRP A 105 -13.49 -15.25 -2.84
C TRP A 105 -14.64 -15.11 -1.84
N ILE A 106 -14.44 -15.62 -0.61
CA ILE A 106 -15.35 -15.43 0.52
C ILE A 106 -14.48 -14.89 1.65
N LEU A 107 -14.93 -13.82 2.31
CA LEU A 107 -14.20 -13.25 3.44
C LEU A 107 -14.97 -13.55 4.71
N LYS A 108 -14.30 -13.98 5.76
CA LYS A 108 -14.94 -14.27 7.04
C LYS A 108 -14.20 -13.61 8.21
N ASP A 109 -14.93 -13.31 9.29
CA ASP A 109 -14.34 -12.85 10.53
C ASP A 109 -13.78 -14.13 11.16
N SER A 110 -12.48 -14.15 11.50
CA SER A 110 -11.85 -15.34 12.04
C SER A 110 -12.39 -15.77 13.42
N VAL A 111 -12.84 -14.81 14.25
CA VAL A 111 -13.36 -15.11 15.57
C VAL A 111 -14.79 -15.65 15.53
N THR A 112 -15.65 -15.06 14.69
CA THR A 112 -17.05 -15.48 14.65
C THR A 112 -17.36 -16.53 13.58
N GLY A 113 -16.55 -16.61 12.54
CA GLY A 113 -16.80 -17.53 11.43
C GLY A 113 -17.83 -17.01 10.42
N GLU A 114 -18.36 -15.80 10.68
CA GLU A 114 -19.39 -15.10 9.90
C GLU A 114 -18.84 -14.53 8.59
N VAL A 115 -19.60 -14.68 7.48
CA VAL A 115 -19.23 -14.13 6.19
C VAL A 115 -19.36 -12.60 6.25
N THR A 116 -18.25 -11.90 6.07
CA THR A 116 -18.25 -10.44 6.11
C THR A 116 -18.11 -9.79 4.70
N GLY A 117 -17.86 -10.59 3.67
CA GLY A 117 -17.72 -10.12 2.31
C GLY A 117 -17.56 -11.23 1.31
N ARG A 118 -17.71 -10.90 0.02
CA ARG A 118 -17.56 -11.82 -1.08
C ARG A 118 -17.18 -11.09 -2.36
N ALA A 119 -16.42 -11.76 -3.21
CA ALA A 119 -15.97 -11.15 -4.46
C ALA A 119 -15.87 -12.19 -5.57
N THR A 120 -16.00 -11.71 -6.81
CA THR A 120 -15.92 -12.53 -7.99
C THR A 120 -15.22 -11.71 -9.07
N SER A 121 -14.41 -12.39 -9.88
CA SER A 121 -13.66 -11.72 -10.93
C SER A 121 -13.66 -12.55 -12.20
N LYS A 122 -13.71 -11.88 -13.35
CA LYS A 122 -13.66 -12.52 -14.67
C LYS A 122 -12.32 -12.18 -15.32
N TRP A 123 -11.66 -13.20 -15.85
CA TRP A 123 -10.36 -13.11 -16.48
C TRP A 123 -10.44 -13.60 -17.92
N VAL A 124 -9.77 -12.92 -18.85
CA VAL A 124 -9.71 -13.34 -20.25
C VAL A 124 -8.24 -13.57 -20.68
N MET A 125 -8.05 -14.46 -21.65
CA MET A 125 -6.72 -14.76 -22.16
C MET A 125 -6.30 -13.65 -23.12
N MET A 126 -5.03 -13.21 -23.03
CA MET A 126 -4.50 -12.15 -23.88
C MET A 126 -3.04 -12.49 -24.27
N ASN A 127 -2.62 -12.15 -25.50
CA ASN A 127 -1.21 -12.34 -25.88
C ASN A 127 -0.47 -11.18 -25.24
N GLN A 128 0.61 -11.48 -24.51
CA GLN A 128 1.47 -10.53 -23.78
C GLN A 128 2.02 -9.39 -24.65
N ASP A 129 2.40 -9.70 -25.89
CA ASP A 129 3.07 -8.78 -26.80
C ASP A 129 2.11 -7.97 -27.68
N THR A 130 1.15 -8.64 -28.33
CA THR A 130 0.20 -7.97 -29.21
C THR A 130 -1.01 -7.39 -28.52
N ARG A 131 -1.25 -7.78 -27.23
CA ARG A 131 -2.38 -7.35 -26.43
C ARG A 131 -3.73 -7.83 -27.02
N ARG A 132 -3.72 -8.94 -27.78
CA ARG A 132 -4.90 -9.46 -28.45
C ARG A 132 -5.64 -10.51 -27.64
N LEU A 133 -6.88 -10.19 -27.26
CA LEU A 133 -7.71 -11.10 -26.49
C LEU A 133 -8.10 -12.31 -27.32
N GLN A 134 -8.29 -13.45 -26.65
CA GLN A 134 -8.64 -14.69 -27.32
C GLN A 134 -9.42 -15.64 -26.42
N LYS A 135 -10.05 -16.63 -27.05
CA LYS A 135 -10.76 -17.68 -26.33
C LYS A 135 -9.73 -18.66 -25.75
N VAL A 136 -10.14 -19.46 -24.77
CA VAL A 136 -9.26 -20.46 -24.16
C VAL A 136 -9.20 -21.72 -25.03
N SER A 137 -8.01 -22.15 -25.43
CA SER A 137 -7.86 -23.37 -26.22
C SER A 137 -8.11 -24.60 -25.31
N ASP A 138 -8.46 -25.75 -25.91
CA ASP A 138 -8.68 -26.97 -25.14
C ASP A 138 -7.41 -27.45 -24.43
N ASP A 139 -6.23 -27.30 -25.05
CA ASP A 139 -4.94 -27.70 -24.45
C ASP A 139 -4.71 -26.95 -23.14
N VAL A 140 -4.98 -25.62 -23.12
CA VAL A 140 -4.80 -24.80 -21.94
C VAL A 140 -5.85 -25.16 -20.88
N ARG A 141 -7.13 -25.23 -21.28
CA ARG A 141 -8.24 -25.57 -20.40
C ARG A 141 -8.05 -26.91 -19.69
N ASP A 142 -7.42 -27.89 -20.36
CA ASP A 142 -7.16 -29.21 -19.78
C ASP A 142 -5.98 -29.19 -18.79
N GLU A 143 -5.10 -28.18 -18.86
CA GLU A 143 -3.94 -28.05 -17.98
C GLU A 143 -4.26 -27.43 -16.61
N TYR A 144 -5.43 -26.79 -16.45
CA TYR A 144 -5.78 -26.19 -15.16
C TYR A 144 -7.07 -26.72 -14.53
N LEU A 145 -7.89 -27.46 -15.29
CA LEU A 145 -9.17 -27.96 -14.80
C LEU A 145 -9.08 -28.84 -13.55
N VAL A 146 -8.03 -29.66 -13.44
CA VAL A 146 -7.84 -30.52 -12.25
C VAL A 146 -7.54 -29.72 -10.95
N PHE A 147 -7.35 -28.41 -11.05
CA PHE A 147 -7.13 -27.57 -9.88
C PHE A 147 -8.39 -26.74 -9.50
N CYS A 148 -9.51 -26.92 -10.22
CA CYS A 148 -10.77 -26.23 -10.06
C CYS A 148 -11.89 -27.19 -9.62
N PRO A 149 -12.93 -26.71 -8.89
CA PRO A 149 -14.07 -27.59 -8.60
C PRO A 149 -14.80 -27.93 -9.90
N GLN A 150 -15.22 -29.19 -10.08
CA GLN A 150 -15.89 -29.62 -11.30
C GLN A 150 -17.35 -29.17 -11.32
N GLU A 151 -18.05 -29.33 -10.20
CA GLU A 151 -19.41 -28.83 -10.04
C GLU A 151 -19.32 -27.33 -9.76
N PRO A 152 -20.31 -26.53 -10.21
CA PRO A 152 -20.21 -25.07 -9.96
C PRO A 152 -20.20 -24.72 -8.48
N ARG A 153 -19.38 -23.73 -8.14
CA ARG A 153 -19.23 -23.20 -6.80
C ARG A 153 -19.17 -21.68 -7.03
N LEU A 154 -20.24 -20.95 -6.65
CA LEU A 154 -20.27 -19.51 -6.93
C LEU A 154 -20.33 -18.69 -5.67
N ALA A 155 -19.50 -17.63 -5.61
CA ALA A 155 -19.58 -16.68 -4.51
C ALA A 155 -20.89 -15.87 -4.61
N PHE A 156 -21.42 -15.68 -5.83
CA PHE A 156 -22.66 -14.97 -6.08
C PHE A 156 -23.57 -15.91 -6.88
N PRO A 157 -24.22 -16.85 -6.19
CA PRO A 157 -25.09 -17.80 -6.90
C PRO A 157 -26.41 -17.21 -7.46
N GLU A 158 -27.13 -16.37 -6.69
CA GLU A 158 -28.43 -15.75 -7.05
C GLU A 158 -28.74 -15.58 -8.56
N GLU A 159 -30.02 -15.75 -8.94
CA GLU A 159 -30.50 -15.62 -10.33
C GLU A 159 -30.28 -14.24 -10.95
N ASN A 160 -30.68 -13.18 -10.25
CA ASN A 160 -30.51 -11.82 -10.78
C ASN A 160 -29.53 -11.09 -9.86
N ASN A 161 -28.25 -11.44 -9.94
CA ASN A 161 -27.25 -10.83 -9.06
C ASN A 161 -26.48 -9.68 -9.72
N ARG A 162 -26.06 -8.72 -8.89
CA ARG A 162 -25.32 -7.52 -9.25
C ARG A 162 -24.00 -7.75 -10.00
N SER A 163 -23.33 -8.90 -9.76
CA SER A 163 -22.02 -9.22 -10.36
C SER A 163 -21.99 -9.34 -11.87
N LEU A 164 -23.13 -9.63 -12.52
CA LEU A 164 -23.16 -9.83 -13.98
C LEU A 164 -23.97 -8.75 -14.73
N LYS A 165 -24.31 -7.65 -14.06
CA LYS A 165 -25.11 -6.60 -14.69
C LYS A 165 -24.28 -5.77 -15.67
N LYS A 166 -24.85 -5.44 -16.83
CA LYS A 166 -24.22 -4.62 -17.86
C LYS A 166 -24.05 -3.19 -17.32
N ILE A 167 -22.87 -2.55 -17.54
CA ILE A 167 -22.60 -1.18 -17.09
C ILE A 167 -22.62 -0.18 -18.27
N PRO A 168 -23.42 0.89 -18.20
CA PRO A 168 -23.45 1.86 -19.31
C PRO A 168 -22.27 2.85 -19.30
N LYS A 169 -22.11 3.64 -20.38
CA LYS A 169 -21.03 4.60 -20.46
C LYS A 169 -21.52 5.96 -19.98
N LEU A 170 -20.83 6.55 -18.99
CA LEU A 170 -21.17 7.85 -18.42
C LEU A 170 -21.12 8.91 -19.55
N GLU A 171 -22.15 9.74 -19.61
CA GLU A 171 -22.27 10.80 -20.62
C GLU A 171 -21.78 12.15 -20.06
N ASP A 172 -21.03 12.91 -20.87
CA ASP A 172 -20.58 14.24 -20.45
C ASP A 172 -21.77 15.21 -20.49
N PRO A 173 -21.90 16.14 -19.53
CA PRO A 173 -20.97 16.42 -18.42
C PRO A 173 -21.15 15.50 -17.20
N ALA A 174 -20.03 15.12 -16.55
CA ALA A 174 -20.10 14.31 -15.34
C ALA A 174 -20.53 15.21 -14.16
N GLN A 175 -21.21 14.64 -13.14
CA GLN A 175 -21.59 15.44 -11.98
C GLN A 175 -20.33 15.84 -11.19
N TYR A 176 -19.39 14.91 -11.03
CA TYR A 176 -18.14 15.11 -10.29
C TYR A 176 -16.92 14.59 -11.10
N SER A 177 -15.73 15.09 -10.80
CA SER A 177 -14.51 14.64 -11.46
C SER A 177 -13.26 14.91 -10.62
N MET A 178 -12.24 14.10 -10.83
CA MET A 178 -10.91 14.25 -10.27
C MET A 178 -9.99 14.03 -11.49
N ILE A 179 -9.29 15.08 -11.90
CA ILE A 179 -8.50 15.13 -13.15
C ILE A 179 -6.97 15.04 -12.93
N GLY A 180 -6.25 14.56 -13.93
CA GLY A 180 -4.79 14.51 -13.87
C GLY A 180 -4.19 13.50 -12.92
N LEU A 181 -4.86 12.36 -12.68
CA LEU A 181 -4.36 11.29 -11.83
C LEU A 181 -3.21 10.55 -12.58
N LYS A 182 -2.06 10.34 -11.92
CA LYS A 182 -0.91 9.68 -12.55
C LYS A 182 -0.40 8.60 -11.59
N PRO A 183 -0.01 7.42 -12.10
CA PRO A 183 0.57 6.41 -11.22
C PRO A 183 2.02 6.71 -10.81
N ARG A 184 2.37 6.39 -9.56
CA ARG A 184 3.77 6.49 -9.12
C ARG A 184 4.36 5.04 -9.05
N ARG A 185 5.66 4.87 -8.74
CA ARG A 185 6.25 3.52 -8.69
C ARG A 185 5.52 2.57 -7.72
N ALA A 186 4.98 3.09 -6.59
CA ALA A 186 4.24 2.24 -5.67
C ALA A 186 2.94 1.68 -6.29
N ASP A 187 2.41 2.31 -7.36
CA ASP A 187 1.21 1.83 -8.08
C ASP A 187 1.52 0.69 -9.08
N LEU A 188 2.79 0.40 -9.33
CA LEU A 188 3.16 -0.63 -10.31
C LEU A 188 3.39 -1.97 -9.60
N ASP A 189 3.18 -3.08 -10.32
CA ASP A 189 3.45 -4.42 -9.81
C ASP A 189 4.91 -4.83 -10.17
N MET A 190 5.32 -6.06 -9.84
CA MET A 190 6.67 -6.55 -10.15
C MET A 190 6.99 -6.57 -11.67
N ASN A 191 5.98 -6.62 -12.55
CA ASN A 191 6.18 -6.58 -14.01
C ASN A 191 6.11 -5.16 -14.60
N GLN A 192 6.07 -4.12 -13.75
CA GLN A 192 6.00 -2.70 -14.13
C GLN A 192 4.66 -2.31 -14.80
N HIS A 193 3.61 -3.08 -14.53
CA HIS A 193 2.26 -2.74 -15.00
C HIS A 193 1.51 -2.09 -13.83
N VAL A 194 0.54 -1.20 -14.13
CA VAL A 194 -0.25 -0.57 -13.07
C VAL A 194 -1.08 -1.67 -12.37
N ASN A 195 -0.99 -1.76 -11.03
CA ASN A 195 -1.71 -2.75 -10.23
C ASN A 195 -3.22 -2.54 -10.44
N ASN A 196 -4.00 -3.62 -10.59
CA ASN A 196 -5.45 -3.52 -10.79
C ASN A 196 -6.18 -2.76 -9.69
N VAL A 197 -5.63 -2.75 -8.47
CA VAL A 197 -6.21 -2.10 -7.31
C VAL A 197 -6.12 -0.57 -7.44
N THR A 198 -5.06 -0.04 -8.08
CA THR A 198 -4.89 1.41 -8.30
C THR A 198 -6.13 1.99 -9.02
N TYR A 199 -6.70 1.26 -10.02
CA TYR A 199 -7.89 1.71 -10.76
C TYR A 199 -9.10 1.87 -9.84
N ILE A 200 -9.23 1.00 -8.80
CA ILE A 200 -10.31 1.09 -7.82
C ILE A 200 -10.15 2.44 -7.08
N GLY A 201 -8.93 2.74 -6.63
CA GLY A 201 -8.65 4.00 -5.94
C GLY A 201 -8.96 5.22 -6.78
N TRP A 202 -8.57 5.19 -8.05
CA TRP A 202 -8.83 6.27 -8.99
C TRP A 202 -10.32 6.47 -9.22
N VAL A 203 -11.12 5.36 -9.33
CA VAL A 203 -12.59 5.44 -9.47
C VAL A 203 -13.17 6.22 -8.28
N LEU A 204 -12.76 5.81 -7.06
CA LEU A 204 -13.22 6.38 -5.80
C LEU A 204 -12.83 7.85 -5.57
N GLU A 205 -11.74 8.32 -6.21
CA GLU A 205 -11.28 9.70 -6.10
C GLU A 205 -12.34 10.75 -6.50
N SER A 206 -13.23 10.45 -7.45
CA SER A 206 -14.27 11.40 -7.85
C SER A 206 -15.56 11.31 -7.01
N ILE A 207 -15.61 10.45 -5.98
CA ILE A 207 -16.76 10.39 -5.07
C ILE A 207 -16.56 11.56 -4.09
N PRO A 208 -17.58 12.41 -3.85
CA PRO A 208 -17.41 13.52 -2.89
C PRO A 208 -17.05 13.03 -1.48
N GLN A 209 -16.19 13.77 -0.77
CA GLN A 209 -15.76 13.42 0.58
C GLN A 209 -16.94 13.29 1.56
N GLU A 210 -18.00 14.09 1.37
CA GLU A 210 -19.20 14.04 2.20
C GLU A 210 -19.88 12.66 2.14
N ILE A 211 -19.92 12.03 0.94
CA ILE A 211 -20.46 10.68 0.79
C ILE A 211 -19.58 9.71 1.56
N VAL A 212 -18.27 9.79 1.38
CA VAL A 212 -17.33 8.91 2.10
C VAL A 212 -17.46 9.05 3.64
N ASP A 213 -17.64 10.27 4.14
CA ASP A 213 -17.79 10.57 5.58
C ASP A 213 -19.12 10.11 6.22
N THR A 214 -20.18 9.96 5.42
CA THR A 214 -21.51 9.58 5.94
C THR A 214 -21.99 8.20 5.47
N HIS A 215 -21.31 7.59 4.51
CA HIS A 215 -21.73 6.31 3.95
C HIS A 215 -20.63 5.28 4.01
N GLU A 216 -21.02 4.00 3.92
CA GLU A 216 -20.11 2.89 3.81
C GLU A 216 -20.28 2.31 2.40
N LEU A 217 -19.18 2.00 1.72
CA LEU A 217 -19.24 1.37 0.41
C LEU A 217 -19.71 -0.08 0.58
N GLN A 218 -20.82 -0.43 -0.07
CA GLN A 218 -21.33 -1.78 0.03
C GLN A 218 -20.93 -2.64 -1.15
N VAL A 219 -21.05 -2.10 -2.36
CA VAL A 219 -20.75 -2.85 -3.59
C VAL A 219 -19.98 -1.99 -4.59
N ILE A 220 -19.00 -2.59 -5.29
CA ILE A 220 -18.29 -1.96 -6.39
C ILE A 220 -18.13 -2.99 -7.51
N THR A 221 -18.53 -2.63 -8.73
CA THR A 221 -18.36 -3.46 -9.91
C THR A 221 -17.51 -2.64 -10.86
N LEU A 222 -16.40 -3.21 -11.32
CA LEU A 222 -15.51 -2.49 -12.20
C LEU A 222 -15.16 -3.33 -13.43
N ASP A 223 -15.35 -2.76 -14.63
CA ASP A 223 -14.96 -3.33 -15.90
C ASP A 223 -13.58 -2.74 -16.28
N TYR A 224 -12.70 -3.57 -16.83
CA TYR A 224 -11.37 -3.17 -17.26
C TYR A 224 -11.35 -3.33 -18.80
N ARG A 225 -11.21 -2.21 -19.51
CA ARG A 225 -11.22 -2.18 -20.98
C ARG A 225 -9.83 -2.07 -21.63
N ARG A 226 -8.96 -1.25 -21.01
CA ARG A 226 -7.64 -0.94 -21.51
C ARG A 226 -6.74 -0.61 -20.32
N GLU A 227 -5.46 -0.94 -20.44
CA GLU A 227 -4.49 -0.67 -19.41
C GLU A 227 -4.00 0.81 -19.39
N CYS A 228 -3.69 1.36 -18.20
CA CYS A 228 -3.10 2.68 -18.07
C CYS A 228 -1.58 2.42 -18.07
N GLN A 229 -0.85 3.03 -18.99
CA GLN A 229 0.61 2.87 -19.01
C GLN A 229 1.22 3.72 -17.87
N GLN A 230 2.47 3.39 -17.47
CA GLN A 230 3.23 4.08 -16.42
C GLN A 230 3.30 5.61 -16.64
N ASP A 231 3.36 6.06 -17.89
CA ASP A 231 3.44 7.48 -18.21
C ASP A 231 2.08 8.12 -18.66
N ASP A 232 0.98 7.37 -18.54
CA ASP A 232 -0.35 7.90 -18.89
C ASP A 232 -0.93 8.76 -17.74
N VAL A 233 -1.90 9.61 -18.09
CA VAL A 233 -2.60 10.47 -17.12
C VAL A 233 -4.10 10.17 -17.27
N VAL A 234 -4.84 10.05 -16.15
CA VAL A 234 -6.22 9.64 -16.10
C VAL A 234 -7.15 10.67 -15.47
N ASP A 235 -8.39 10.73 -15.96
CA ASP A 235 -9.46 11.53 -15.40
C ASP A 235 -10.51 10.57 -14.87
N SER A 236 -10.98 10.79 -13.64
CA SER A 236 -11.99 9.97 -12.97
C SER A 236 -13.33 10.74 -12.93
N LEU A 237 -14.38 10.18 -13.50
CA LEU A 237 -15.68 10.83 -13.61
C LEU A 237 -16.77 10.03 -12.87
N THR A 238 -17.67 10.72 -12.17
CA THR A 238 -18.74 10.11 -11.39
C THR A 238 -20.04 10.92 -11.52
N THR A 239 -21.17 10.22 -11.70
CA THR A 239 -22.50 10.81 -11.75
C THR A 239 -23.42 9.97 -10.84
N THR A 240 -24.20 10.62 -9.96
CA THR A 240 -25.15 9.93 -9.10
C THR A 240 -26.29 9.39 -9.95
N THR A 241 -26.62 8.09 -9.83
CA THR A 241 -27.74 7.51 -10.57
C THR A 241 -28.97 7.26 -9.68
N SER A 242 -28.82 7.31 -8.35
CA SER A 242 -29.95 7.10 -7.45
C SER A 242 -30.85 8.36 -7.34
N ASN A 259 -32.47 5.71 0.81
CA ASN A 259 -31.45 5.53 1.86
C ASN A 259 -30.08 5.09 1.33
N ASP A 260 -30.04 4.52 0.11
CA ASP A 260 -28.79 4.11 -0.50
C ASP A 260 -28.40 5.12 -1.59
N SER A 261 -27.11 5.24 -1.86
CA SER A 261 -26.62 6.11 -2.92
C SER A 261 -25.89 5.24 -3.96
N GLN A 262 -26.23 5.42 -5.23
CA GLN A 262 -25.59 4.67 -6.31
C GLN A 262 -24.93 5.65 -7.26
N PHE A 263 -23.79 5.25 -7.81
CA PHE A 263 -23.05 6.11 -8.73
C PHE A 263 -22.63 5.31 -9.98
N LEU A 264 -22.46 6.02 -11.09
CA LEU A 264 -21.93 5.48 -12.34
C LEU A 264 -20.53 6.14 -12.49
N HIS A 265 -19.51 5.35 -12.87
CA HIS A 265 -18.13 5.82 -12.95
C HIS A 265 -17.49 5.59 -14.30
N LEU A 266 -16.51 6.44 -14.66
CA LEU A 266 -15.74 6.31 -15.88
C LEU A 266 -14.31 6.84 -15.67
N LEU A 267 -13.29 6.04 -16.02
CA LEU A 267 -11.88 6.46 -16.03
C LEU A 267 -11.49 6.52 -17.50
N ARG A 268 -10.89 7.62 -17.92
CA ARG A 268 -10.46 7.78 -19.30
C ARG A 268 -9.12 8.54 -19.35
N LEU A 269 -8.32 8.36 -20.41
CA LEU A 269 -7.03 9.06 -20.53
C LEU A 269 -7.29 10.56 -20.66
N SER A 270 -6.54 11.40 -19.94
CA SER A 270 -6.74 12.86 -19.86
C SER A 270 -6.67 13.58 -21.18
N GLY A 271 -5.87 13.04 -22.09
CA GLY A 271 -5.71 13.67 -23.40
C GLY A 271 -6.86 13.36 -24.32
N ASP A 272 -6.74 12.24 -25.04
CA ASP A 272 -7.71 11.83 -26.06
C ASP A 272 -9.08 11.33 -25.53
N GLY A 273 -9.21 11.10 -24.23
CA GLY A 273 -10.49 10.65 -23.66
C GLY A 273 -10.80 9.18 -23.90
N GLN A 274 -9.76 8.39 -24.26
CA GLN A 274 -9.84 6.95 -24.44
C GLN A 274 -10.28 6.25 -23.11
N GLU A 275 -11.38 5.46 -23.16
CA GLU A 275 -11.86 4.75 -21.97
C GLU A 275 -10.88 3.69 -21.47
N ILE A 276 -10.65 3.64 -20.15
CA ILE A 276 -9.82 2.57 -19.58
C ILE A 276 -10.69 1.66 -18.69
N ASN A 277 -11.66 2.25 -17.95
CA ASN A 277 -12.57 1.50 -17.07
C ASN A 277 -13.92 2.19 -17.00
N ARG A 278 -14.93 1.41 -16.63
CA ARG A 278 -16.28 1.85 -16.29
C ARG A 278 -16.75 1.02 -15.09
N GLY A 279 -17.57 1.62 -14.23
CA GLY A 279 -18.05 0.90 -13.06
C GLY A 279 -19.23 1.55 -12.37
N THR A 280 -19.70 0.91 -11.32
CA THR A 280 -20.79 1.37 -10.45
C THR A 280 -20.44 1.09 -8.99
N THR A 281 -20.91 1.95 -8.09
CA THR A 281 -20.78 1.75 -6.65
C THR A 281 -22.14 1.94 -5.98
N LEU A 282 -22.37 1.21 -4.88
CA LEU A 282 -23.58 1.32 -4.07
C LEU A 282 -23.09 1.59 -2.64
N TRP A 283 -23.64 2.62 -2.01
CA TRP A 283 -23.23 3.05 -0.68
C TRP A 283 -24.45 3.08 0.23
N ARG A 284 -24.28 2.67 1.49
CA ARG A 284 -25.39 2.74 2.43
C ARG A 284 -25.08 3.71 3.55
N LYS A 285 -26.10 4.44 4.03
CA LYS A 285 -25.90 5.44 5.08
C LYS A 285 -25.39 4.79 6.37
N LYS A 286 -24.39 5.41 7.01
CA LYS A 286 -23.81 4.93 8.26
C LYS A 286 -24.84 4.97 9.39
N GLY B 2 3.20 -10.50 16.82
CA GLY B 2 4.25 -9.71 17.42
C GLY B 2 4.26 -9.80 18.93
N SER B 3 5.41 -9.46 19.54
CA SER B 3 5.50 -9.51 20.98
C SER B 3 6.62 -8.67 21.55
N LEU B 4 6.42 -8.16 22.77
CA LEU B 4 7.47 -7.49 23.53
C LEU B 4 8.52 -8.55 23.88
N THR B 5 9.79 -8.15 23.95
CA THR B 5 10.87 -9.07 24.31
C THR B 5 10.77 -9.43 25.82
N GLU B 6 11.65 -10.31 26.31
CA GLU B 6 11.63 -10.73 27.70
C GLU B 6 11.66 -9.56 28.71
N ASP B 7 12.55 -8.58 28.49
CA ASP B 7 12.68 -7.44 29.40
C ASP B 7 11.57 -6.36 29.23
N GLY B 8 10.74 -6.46 28.19
CA GLY B 8 9.67 -5.50 27.93
C GLY B 8 10.14 -4.14 27.44
N LEU B 9 11.43 -4.03 27.03
CA LEU B 9 12.00 -2.76 26.56
C LEU B 9 12.13 -2.64 25.03
N SER B 10 11.67 -3.66 24.29
CA SER B 10 11.65 -3.64 22.83
C SER B 10 10.55 -4.60 22.32
N TYR B 11 10.26 -4.58 21.02
CA TYR B 11 9.18 -5.34 20.44
C TYR B 11 9.61 -6.00 19.14
N LYS B 12 9.17 -7.25 18.90
CA LYS B 12 9.53 -7.97 17.67
C LYS B 12 8.30 -8.42 16.90
N GLU B 13 8.37 -8.37 15.58
CA GLU B 13 7.29 -8.85 14.73
C GLU B 13 7.83 -9.44 13.43
N LYS B 14 7.22 -10.54 12.97
CA LYS B 14 7.59 -11.19 11.72
C LYS B 14 6.56 -10.84 10.63
N PHE B 15 7.04 -10.65 9.40
CA PHE B 15 6.21 -10.32 8.25
C PHE B 15 6.60 -11.17 7.05
N VAL B 16 5.61 -11.71 6.35
CA VAL B 16 5.85 -12.47 5.13
C VAL B 16 5.65 -11.43 4.01
N VAL B 17 6.65 -11.23 3.16
CA VAL B 17 6.56 -10.22 2.08
C VAL B 17 5.50 -10.63 1.01
N ARG B 18 4.55 -9.74 0.75
CA ARG B 18 3.45 -9.96 -0.19
C ARG B 18 3.79 -9.69 -1.66
N SER B 19 3.05 -10.33 -2.58
CA SER B 19 3.21 -10.16 -4.02
C SER B 19 3.14 -8.70 -4.47
N TYR B 20 2.17 -7.91 -3.95
CA TYR B 20 2.04 -6.51 -4.36
C TYR B 20 3.05 -5.55 -3.66
N GLU B 21 3.78 -6.07 -2.66
CA GLU B 21 4.77 -5.28 -1.94
C GLU B 21 6.13 -5.23 -2.64
N VAL B 22 6.34 -6.04 -3.70
CA VAL B 22 7.66 -6.07 -4.36
C VAL B 22 7.71 -5.32 -5.69
N GLY B 23 8.91 -4.85 -6.02
CA GLY B 23 9.20 -4.15 -7.28
C GLY B 23 9.72 -5.08 -8.35
N SER B 24 10.30 -4.51 -9.43
CA SER B 24 10.80 -5.27 -10.59
C SER B 24 11.94 -6.28 -10.29
N ASN B 25 12.61 -6.17 -9.15
CA ASN B 25 13.64 -7.12 -8.73
C ASN B 25 13.07 -8.27 -7.86
N LYS B 26 11.72 -8.36 -7.73
CA LYS B 26 11.02 -9.36 -6.92
C LYS B 26 11.42 -9.32 -5.44
N THR B 27 11.86 -8.13 -4.95
CA THR B 27 12.17 -7.90 -3.54
C THR B 27 11.37 -6.66 -3.06
N ALA B 28 11.14 -6.55 -1.74
CA ALA B 28 10.36 -5.48 -1.14
C ALA B 28 10.87 -4.09 -1.48
N THR B 29 9.97 -3.15 -1.81
CA THR B 29 10.37 -1.77 -2.08
C THR B 29 10.75 -1.09 -0.77
N VAL B 30 11.47 0.04 -0.84
CA VAL B 30 11.79 0.80 0.37
C VAL B 30 10.50 1.34 1.03
N GLU B 31 9.44 1.60 0.24
CA GLU B 31 8.16 2.02 0.79
C GLU B 31 7.49 0.87 1.53
N THR B 32 7.64 -0.39 1.08
CA THR B 32 7.12 -1.54 1.83
C THR B 32 7.85 -1.63 3.15
N ILE B 33 9.18 -1.52 3.13
CA ILE B 33 10.00 -1.53 4.32
C ILE B 33 9.54 -0.44 5.31
N ALA B 34 9.39 0.81 4.82
CA ALA B 34 8.94 1.93 5.65
C ALA B 34 7.53 1.71 6.24
N ASN B 35 6.60 1.05 5.51
CA ASN B 35 5.26 0.74 6.05
C ASN B 35 5.37 -0.32 7.18
N LEU B 36 6.27 -1.28 7.01
CA LEU B 36 6.52 -2.35 8.01
C LEU B 36 7.14 -1.78 9.29
N LEU B 37 8.04 -0.78 9.12
CA LEU B 37 8.64 -0.08 10.27
C LEU B 37 7.52 0.64 11.05
N GLN B 38 6.63 1.38 10.35
CA GLN B 38 5.52 2.11 10.95
C GLN B 38 4.59 1.16 11.71
N GLU B 39 4.25 0.02 11.08
CA GLU B 39 3.38 -1.02 11.65
C GLU B 39 3.92 -1.63 12.94
N VAL B 40 5.21 -2.03 12.94
CA VAL B 40 5.80 -2.61 14.14
C VAL B 40 5.90 -1.53 15.26
N GLY B 41 6.13 -0.26 14.88
CA GLY B 41 6.15 0.86 15.82
C GLY B 41 4.80 1.03 16.50
N CYS B 42 3.67 0.96 15.72
CA CYS B 42 2.31 1.09 16.23
C CYS B 42 1.98 -0.11 17.15
N ASN B 43 2.43 -1.33 16.77
CA ASN B 43 2.15 -2.52 17.58
C ASN B 43 2.92 -2.50 18.92
N HIS B 44 4.11 -1.89 18.94
CA HIS B 44 4.89 -1.70 20.13
C HIS B 44 4.14 -0.74 21.09
N ALA B 45 3.71 0.43 20.57
CA ALA B 45 2.95 1.42 21.35
C ALA B 45 1.68 0.81 21.95
N GLN B 46 0.91 0.05 21.17
CA GLN B 46 -0.31 -0.60 21.64
C GLN B 46 -0.06 -1.62 22.76
N SER B 47 1.02 -2.39 22.65
CA SER B 47 1.36 -3.44 23.59
C SER B 47 1.72 -2.95 24.99
N VAL B 48 2.09 -1.67 25.14
CA VAL B 48 2.43 -1.11 26.45
C VAL B 48 1.45 -0.03 26.95
N GLY B 49 0.27 0.07 26.35
CA GLY B 49 -0.75 0.99 26.83
C GLY B 49 -0.97 2.30 26.11
N PHE B 50 -0.23 2.58 25.03
CA PHE B 50 -0.43 3.82 24.28
C PHE B 50 -1.39 3.55 23.12
N SER B 51 -2.30 4.48 22.81
CA SER B 51 -3.26 4.29 21.72
C SER B 51 -2.56 4.15 20.36
N GLY B 54 -6.01 7.50 17.53
CA GLY B 54 -5.08 7.04 16.51
C GLY B 54 -3.67 7.61 16.61
N PHE B 55 -3.18 7.85 17.84
CA PHE B 55 -1.83 8.38 18.07
C PHE B 55 -1.14 7.72 19.27
N ALA B 56 0.20 7.63 19.24
CA ALA B 56 0.94 7.09 20.37
C ALA B 56 1.25 8.28 21.29
N THR B 57 0.40 8.50 22.31
CA THR B 57 0.52 9.62 23.23
C THR B 57 0.46 9.18 24.70
N THR B 58 1.14 9.92 25.57
CA THR B 58 1.05 9.66 27.01
C THR B 58 -0.25 10.33 27.56
N THR B 59 -0.56 10.16 28.86
CA THR B 59 -1.77 10.77 29.43
C THR B 59 -1.72 12.29 29.39
N THR B 60 -0.59 12.88 29.83
CA THR B 60 -0.41 14.33 29.79
C THR B 60 -0.48 14.88 28.34
N MET B 61 0.06 14.14 27.35
CA MET B 61 0.00 14.56 25.95
C MET B 61 -1.47 14.70 25.49
N ARG B 62 -2.36 13.77 25.88
CA ARG B 62 -3.77 13.86 25.50
C ARG B 62 -4.43 15.08 26.12
N LYS B 63 -4.14 15.35 27.40
CA LYS B 63 -4.68 16.48 28.16
C LYS B 63 -4.27 17.82 27.54
N LEU B 64 -3.01 17.93 27.12
CA LEU B 64 -2.48 19.17 26.56
C LEU B 64 -2.59 19.27 25.02
N HIS B 65 -3.26 18.30 24.36
CA HIS B 65 -3.43 18.21 22.90
C HIS B 65 -2.08 18.14 22.14
N LEU B 66 -1.12 17.37 22.66
CA LEU B 66 0.20 17.21 22.06
C LEU B 66 0.33 15.88 21.36
N ILE B 67 1.03 15.87 20.21
CA ILE B 67 1.33 14.68 19.42
C ILE B 67 2.84 14.59 19.09
N TRP B 68 3.30 13.39 18.74
CA TRP B 68 4.66 13.17 18.25
C TRP B 68 4.60 13.24 16.74
N VAL B 69 5.53 13.94 16.12
CA VAL B 69 5.59 14.08 14.69
C VAL B 69 7.01 13.76 14.16
N THR B 70 7.14 13.15 12.98
CA THR B 70 8.47 12.80 12.44
C THR B 70 9.22 14.03 11.98
N ALA B 71 10.45 14.17 12.43
CA ALA B 71 11.35 15.23 12.00
C ALA B 71 12.37 14.64 11.02
N ARG B 72 12.80 13.39 11.23
CA ARG B 72 13.79 12.76 10.37
C ARG B 72 13.59 11.25 10.37
N MET B 73 13.77 10.63 9.18
CA MET B 73 13.74 9.19 8.96
C MET B 73 15.05 8.83 8.22
N HIS B 74 15.79 7.85 8.72
CA HIS B 74 17.02 7.40 8.09
C HIS B 74 16.98 5.87 8.00
N ILE B 75 17.12 5.31 6.79
CA ILE B 75 17.02 3.87 6.59
C ILE B 75 18.21 3.37 5.74
N GLU B 76 18.84 2.26 6.17
N GLU B 76 18.84 2.26 6.17
N GLU B 76 18.84 2.26 6.17
CA GLU B 76 19.93 1.62 5.42
CA GLU B 76 19.94 1.63 5.44
CA GLU B 76 19.93 1.62 5.42
C GLU B 76 19.57 0.16 5.21
C GLU B 76 19.60 0.15 5.22
C GLU B 76 19.57 0.16 5.21
N ILE B 77 19.50 -0.29 3.96
CA ILE B 77 19.16 -1.68 3.64
C ILE B 77 20.34 -2.34 2.93
N TYR B 78 20.78 -3.51 3.43
CA TYR B 78 21.86 -4.31 2.84
C TYR B 78 21.24 -5.36 1.88
N LYS B 79 20.09 -5.93 2.26
CA LYS B 79 19.38 -6.91 1.42
C LYS B 79 17.88 -6.68 1.53
N TYR B 80 17.20 -6.52 0.39
CA TYR B 80 15.74 -6.39 0.40
C TYR B 80 15.13 -7.78 0.38
N PRO B 81 14.18 -8.08 1.29
CA PRO B 81 13.61 -9.44 1.34
C PRO B 81 12.80 -9.76 0.10
N ALA B 82 12.94 -10.98 -0.40
CA ALA B 82 12.20 -11.39 -1.58
C ALA B 82 10.75 -11.72 -1.22
N TRP B 83 9.88 -11.68 -2.23
CA TRP B 83 8.49 -12.08 -2.17
C TRP B 83 8.34 -13.52 -1.56
N GLY B 84 7.58 -13.62 -0.48
CA GLY B 84 7.40 -14.88 0.21
C GLY B 84 8.38 -15.09 1.36
N ASP B 85 9.39 -14.22 1.49
CA ASP B 85 10.36 -14.34 2.57
C ASP B 85 9.81 -13.78 3.88
N VAL B 86 10.33 -14.26 5.01
CA VAL B 86 9.92 -13.80 6.32
C VAL B 86 11.01 -12.84 6.83
N VAL B 87 10.63 -11.61 7.13
CA VAL B 87 11.56 -10.64 7.70
C VAL B 87 11.15 -10.37 9.17
N GLU B 88 12.13 -10.35 10.09
CA GLU B 88 11.83 -10.08 11.50
C GLU B 88 12.31 -8.68 11.85
N ILE B 89 11.45 -7.86 12.43
CA ILE B 89 11.82 -6.49 12.79
C ILE B 89 11.75 -6.26 14.29
N GLU B 90 12.83 -5.71 14.85
CA GLU B 90 12.85 -5.38 16.28
C GLU B 90 12.85 -3.85 16.42
N THR B 91 12.06 -3.30 17.35
CA THR B 91 11.97 -1.84 17.52
C THR B 91 11.96 -1.46 18.99
N TRP B 92 12.45 -0.25 19.25
CA TRP B 92 12.50 0.30 20.59
C TRP B 92 12.56 1.82 20.50
N CYS B 93 12.21 2.47 21.62
CA CYS B 93 12.21 3.91 21.77
C CYS B 93 13.26 4.33 22.77
N GLN B 94 13.77 5.53 22.59
CA GLN B 94 14.71 6.10 23.52
C GLN B 94 14.45 7.58 23.70
N SER B 95 14.56 8.04 24.93
CA SER B 95 14.38 9.44 25.23
C SER B 95 15.66 10.19 24.82
N GLU B 96 15.50 11.35 24.20
CA GLU B 96 16.63 12.20 23.84
C GLU B 96 16.48 13.52 24.61
N GLY B 97 16.29 13.41 25.93
CA GLY B 97 16.06 14.53 26.81
C GLY B 97 14.84 15.34 26.41
N ARG B 98 14.95 16.68 26.44
CA ARG B 98 13.83 17.52 26.05
C ARG B 98 13.76 17.81 24.55
N ILE B 99 14.74 17.35 23.74
CA ILE B 99 14.68 17.56 22.29
C ILE B 99 13.48 16.78 21.69
N GLY B 100 13.30 15.55 22.13
CA GLY B 100 12.25 14.68 21.64
C GLY B 100 12.57 13.23 21.91
N THR B 101 12.04 12.33 21.10
CA THR B 101 12.30 10.90 21.21
C THR B 101 12.88 10.38 19.89
N ARG B 102 13.41 9.16 19.96
CA ARG B 102 13.97 8.45 18.83
C ARG B 102 13.35 7.05 18.79
N ARG B 103 12.94 6.58 17.61
CA ARG B 103 12.49 5.19 17.47
C ARG B 103 13.47 4.54 16.53
N ASP B 104 14.08 3.41 16.96
CA ASP B 104 15.06 2.67 16.16
C ASP B 104 14.54 1.28 15.75
N TRP B 105 15.07 0.72 14.67
CA TRP B 105 14.67 -0.60 14.19
C TRP B 105 15.87 -1.38 13.66
N ILE B 106 15.83 -2.73 13.79
CA ILE B 106 16.79 -3.65 13.19
C ILE B 106 15.96 -4.65 12.39
N LEU B 107 16.35 -4.90 11.14
CA LEU B 107 15.66 -5.87 10.31
C LEU B 107 16.56 -7.09 10.13
N LYS B 108 15.99 -8.29 10.26
CA LYS B 108 16.75 -9.52 10.09
C LYS B 108 16.05 -10.50 9.17
N ASP B 109 16.82 -11.37 8.50
CA ASP B 109 16.28 -12.46 7.71
C ASP B 109 15.91 -13.51 8.77
N SER B 110 14.66 -13.96 8.78
CA SER B 110 14.19 -14.91 9.79
C SER B 110 14.89 -16.27 9.73
N VAL B 111 15.28 -16.73 8.54
CA VAL B 111 15.93 -18.03 8.37
C VAL B 111 17.40 -18.00 8.80
N THR B 112 18.14 -16.95 8.43
CA THR B 112 19.56 -16.88 8.72
C THR B 112 19.91 -16.16 10.03
N GLY B 113 19.03 -15.27 10.49
CA GLY B 113 19.28 -14.47 11.69
C GLY B 113 20.17 -13.25 11.42
N GLU B 114 20.59 -13.07 10.17
CA GLU B 114 21.47 -12.02 9.68
C GLU B 114 20.77 -10.66 9.59
N VAL B 115 21.46 -9.58 10.00
CA VAL B 115 20.93 -8.23 9.90
C VAL B 115 20.91 -7.83 8.42
N THR B 116 19.72 -7.53 7.90
CA THR B 116 19.57 -7.13 6.50
C THR B 116 19.27 -5.63 6.33
N GLY B 117 19.03 -4.92 7.44
CA GLY B 117 18.75 -3.50 7.41
C GLY B 117 18.61 -2.88 8.79
N ARG B 118 18.68 -1.56 8.87
N ARG B 118 18.68 -1.56 8.87
N ARG B 118 18.66 -1.56 8.85
CA ARG B 118 18.52 -0.80 10.10
CA ARG B 118 18.52 -0.80 10.10
CA ARG B 118 18.52 -0.80 10.09
C ARG B 118 17.97 0.59 9.84
C ARG B 118 17.96 0.59 9.83
C ARG B 118 17.95 0.59 9.82
N ALA B 119 17.20 1.13 10.78
CA ALA B 119 16.61 2.44 10.63
C ALA B 119 16.53 3.17 11.97
N THR B 120 16.51 4.50 11.89
CA THR B 120 16.42 5.38 13.03
C THR B 120 15.54 6.56 12.64
N SER B 121 14.76 7.04 13.61
CA SER B 121 13.84 8.14 13.35
C SER B 121 13.80 9.11 14.53
N LYS B 122 13.82 10.42 14.24
CA LYS B 122 13.73 11.49 15.23
C LYS B 122 12.30 12.04 15.21
N TRP B 123 11.72 12.14 16.40
CA TRP B 123 10.36 12.59 16.62
C TRP B 123 10.37 13.83 17.53
N VAL B 124 9.57 14.84 17.18
CA VAL B 124 9.48 16.06 17.99
C VAL B 124 8.01 16.26 18.42
N MET B 125 7.82 16.88 19.57
CA MET B 125 6.51 17.13 20.14
C MET B 125 5.89 18.36 19.47
N MET B 126 4.59 18.30 19.16
CA MET B 126 3.89 19.44 18.58
C MET B 126 2.42 19.49 19.02
N ASN B 127 1.86 20.70 19.12
CA ASN B 127 0.45 20.84 19.48
C ASN B 127 -0.30 20.55 18.20
N GLN B 128 -1.22 19.59 18.23
CA GLN B 128 -1.93 19.20 17.01
C GLN B 128 -2.89 20.25 16.43
N ASP B 129 -3.28 21.27 17.20
CA ASP B 129 -4.18 22.32 16.72
C ASP B 129 -3.41 23.52 16.12
N THR B 130 -2.44 24.07 16.88
CA THR B 130 -1.66 25.23 16.44
C THR B 130 -0.44 24.87 15.58
N ARG B 131 -0.07 23.56 15.53
CA ARG B 131 1.07 23.00 14.82
C ARG B 131 2.40 23.56 15.32
N ARG B 132 2.47 23.88 16.62
CA ARG B 132 3.65 24.49 17.22
C ARG B 132 4.59 23.49 17.89
N LEU B 133 5.86 23.48 17.44
CA LEU B 133 6.86 22.59 18.00
C LEU B 133 7.18 22.98 19.43
N GLN B 134 7.30 21.97 20.29
CA GLN B 134 7.61 22.15 21.70
C GLN B 134 8.77 21.24 22.11
N LYS B 135 9.39 21.55 23.23
CA LYS B 135 10.37 20.67 23.84
C LYS B 135 9.57 19.74 24.81
N VAL B 136 10.13 18.59 25.17
CA VAL B 136 9.43 17.63 26.03
C VAL B 136 9.41 18.06 27.49
N SER B 137 8.21 18.18 28.09
CA SER B 137 8.11 18.54 29.51
C SER B 137 8.55 17.37 30.39
N ASP B 138 8.95 17.66 31.64
CA ASP B 138 9.37 16.62 32.57
C ASP B 138 8.25 15.62 32.85
N ASP B 139 7.01 16.09 33.02
CA ASP B 139 5.84 15.26 33.30
C ASP B 139 5.63 14.22 32.21
N VAL B 140 5.76 14.62 30.94
CA VAL B 140 5.59 13.73 29.79
C VAL B 140 6.75 12.73 29.72
N ARG B 141 7.99 13.23 29.81
CA ARG B 141 9.19 12.39 29.79
C ARG B 141 9.16 11.29 30.83
N ASP B 142 8.64 11.59 32.03
CA ASP B 142 8.55 10.62 33.12
C ASP B 142 7.47 9.56 32.89
N GLU B 143 6.48 9.84 32.02
CA GLU B 143 5.39 8.91 31.72
C GLU B 143 5.75 7.84 30.68
N TYR B 144 6.86 8.01 29.94
CA TYR B 144 7.24 7.00 28.93
C TYR B 144 8.61 6.38 29.15
N LEU B 145 9.45 6.96 30.03
CA LEU B 145 10.81 6.47 30.25
C LEU B 145 10.90 5.02 30.72
N VAL B 146 9.95 4.55 31.53
CA VAL B 146 9.94 3.16 32.01
C VAL B 146 9.66 2.12 30.88
N PHE B 147 9.33 2.58 29.67
CA PHE B 147 9.11 1.72 28.53
C PHE B 147 10.31 1.73 27.53
N CYS B 148 11.36 2.47 27.85
CA CYS B 148 12.56 2.66 27.04
C CYS B 148 13.81 2.07 27.73
N PRO B 149 14.84 1.63 26.97
CA PRO B 149 16.08 1.20 27.63
C PRO B 149 16.74 2.43 28.31
N GLN B 150 17.27 2.26 29.51
CA GLN B 150 17.88 3.37 30.25
C GLN B 150 19.28 3.67 29.72
N GLU B 151 20.09 2.63 29.49
CA GLU B 151 21.40 2.78 28.86
C GLU B 151 21.17 2.95 27.35
N PRO B 152 22.03 3.71 26.66
CA PRO B 152 21.81 3.90 25.21
C PRO B 152 21.89 2.60 24.41
N ARG B 153 21.00 2.49 23.44
CA ARG B 153 20.90 1.35 22.52
C ARG B 153 20.67 2.02 21.17
N LEU B 154 21.66 1.97 20.28
CA LEU B 154 21.56 2.67 19.01
C LEU B 154 21.62 1.77 17.80
N ALA B 155 20.70 1.94 16.86
CA ALA B 155 20.75 1.20 15.60
C ALA B 155 21.96 1.68 14.78
N PHE B 156 22.37 2.94 14.93
CA PHE B 156 23.51 3.52 14.24
C PHE B 156 24.47 4.07 15.30
N PRO B 157 25.27 3.20 15.91
CA PRO B 157 26.17 3.66 16.98
C PRO B 157 27.36 4.51 16.52
N GLU B 158 28.04 4.12 15.43
CA GLU B 158 29.21 4.79 14.86
C GLU B 158 29.25 6.34 15.04
N GLU B 159 30.35 6.87 15.62
CA GLU B 159 30.46 8.31 15.83
C GLU B 159 30.60 9.01 14.48
N ASN B 160 29.80 10.06 14.26
CA ASN B 160 29.73 10.85 13.02
C ASN B 160 29.24 10.03 11.81
N ASN B 161 28.16 9.25 11.98
CA ASN B 161 27.59 8.41 10.92
C ASN B 161 26.53 9.15 10.04
N ARG B 162 26.07 8.51 8.94
CA ARG B 162 25.11 9.06 7.97
C ARG B 162 23.77 9.56 8.55
N SER B 163 23.26 8.93 9.61
CA SER B 163 21.96 9.28 10.20
C SER B 163 21.84 10.67 10.80
N LEU B 164 22.96 11.30 11.18
CA LEU B 164 22.92 12.63 11.82
C LEU B 164 23.53 13.75 10.96
N LYS B 165 23.80 13.49 9.67
CA LYS B 165 24.41 14.48 8.80
C LYS B 165 23.42 15.55 8.37
N LYS B 166 23.84 16.82 8.39
CA LYS B 166 23.03 17.96 7.97
C LYS B 166 22.78 17.88 6.45
N ILE B 167 21.54 18.13 5.98
CA ILE B 167 21.19 18.09 4.54
C ILE B 167 21.01 19.51 3.98
N PRO B 168 21.71 19.86 2.88
CA PRO B 168 21.54 21.20 2.30
C PRO B 168 20.27 21.37 1.45
N LYS B 169 19.94 22.60 1.06
CA LYS B 169 18.75 22.85 0.25
C LYS B 169 19.14 22.86 -1.23
N LEU B 170 18.47 22.03 -2.05
CA LEU B 170 18.72 21.93 -3.48
C LEU B 170 18.47 23.31 -4.13
N GLU B 171 19.41 23.74 -4.98
CA GLU B 171 19.28 25.03 -5.67
C GLU B 171 18.74 24.85 -7.10
N ASP B 172 17.83 25.74 -7.52
CA ASP B 172 17.29 25.69 -8.88
C ASP B 172 18.38 26.18 -9.87
N PRO B 173 18.49 25.55 -11.07
CA PRO B 173 17.63 24.48 -11.61
C PRO B 173 18.00 23.07 -11.11
N ALA B 174 16.98 22.22 -10.89
CA ALA B 174 17.20 20.83 -10.48
C ALA B 174 17.63 20.04 -11.73
N GLN B 175 18.44 18.96 -11.56
CA GLN B 175 18.82 18.15 -12.71
C GLN B 175 17.60 17.38 -13.25
N TYR B 176 16.77 16.86 -12.33
CA TYR B 176 15.56 16.08 -12.64
C TYR B 176 14.36 16.57 -11.82
N SER B 177 13.15 16.30 -12.30
CA SER B 177 11.94 16.67 -11.56
C SER B 177 10.74 15.82 -12.00
N MET B 178 9.77 15.68 -11.08
CA MET B 178 8.48 15.05 -11.29
C MET B 178 7.51 16.06 -10.66
N ILE B 179 6.67 16.70 -11.47
CA ILE B 179 5.80 17.78 -11.01
C ILE B 179 4.30 17.39 -10.93
N GLY B 180 3.55 18.13 -10.10
CA GLY B 180 2.13 17.90 -9.97
C GLY B 180 1.71 16.63 -9.24
N LEU B 181 2.51 16.15 -8.29
CA LEU B 181 2.18 14.95 -7.50
C LEU B 181 1.07 15.33 -6.49
N LYS B 182 0.01 14.51 -6.40
CA LYS B 182 -1.11 14.79 -5.49
C LYS B 182 -1.44 13.52 -4.72
N PRO B 183 -1.76 13.61 -3.42
CA PRO B 183 -2.16 12.40 -2.68
C PRO B 183 -3.59 11.95 -2.98
N ARG B 184 -3.81 10.65 -3.04
CA ARG B 184 -5.19 10.13 -3.17
C ARG B 184 -5.59 9.54 -1.78
N ARG B 185 -6.85 9.07 -1.61
CA ARG B 185 -7.28 8.55 -0.31
C ARG B 185 -6.40 7.42 0.23
N ALA B 186 -5.84 6.56 -0.64
CA ALA B 186 -4.93 5.50 -0.17
C ALA B 186 -3.64 6.05 0.45
N ASP B 187 -3.26 7.31 0.15
CA ASP B 187 -2.09 7.97 0.74
C ASP B 187 -2.33 8.55 2.15
N LEU B 188 -3.59 8.57 2.59
CA LEU B 188 -3.92 9.14 3.90
C LEU B 188 -3.96 8.05 4.97
N ASP B 189 -3.69 8.42 6.22
CA ASP B 189 -3.79 7.50 7.37
C ASP B 189 -5.21 7.56 7.97
N MET B 190 -5.49 6.83 9.06
CA MET B 190 -6.79 6.83 9.73
C MET B 190 -7.22 8.22 10.24
N ASN B 191 -6.27 9.16 10.48
CA ASN B 191 -6.59 10.52 10.93
C ASN B 191 -6.72 11.54 9.75
N GLN B 192 -6.73 11.04 8.50
CA GLN B 192 -6.82 11.84 7.26
C GLN B 192 -5.59 12.73 7.01
N HIS B 193 -4.44 12.35 7.56
CA HIS B 193 -3.18 13.04 7.29
C HIS B 193 -2.42 12.22 6.25
N VAL B 194 -1.58 12.87 5.42
CA VAL B 194 -0.78 12.14 4.44
C VAL B 194 0.21 11.23 5.21
N ASN B 195 0.25 9.93 4.89
CA ASN B 195 1.13 8.96 5.53
C ASN B 195 2.60 9.37 5.27
N ASN B 196 3.47 9.27 6.28
CA ASN B 196 4.88 9.64 6.13
C ASN B 196 5.61 8.91 5.02
N VAL B 197 5.17 7.69 4.68
CA VAL B 197 5.76 6.84 3.66
C VAL B 197 5.50 7.41 2.25
N THR B 198 4.32 8.06 2.03
CA THR B 198 4.01 8.70 0.74
C THR B 198 5.11 9.69 0.32
N TYR B 199 5.68 10.47 1.28
CA TYR B 199 6.76 11.43 0.99
C TYR B 199 8.01 10.75 0.46
N ILE B 200 8.30 9.51 0.94
CA ILE B 200 9.43 8.72 0.47
C ILE B 200 9.20 8.39 -1.02
N GLY B 201 8.00 7.94 -1.35
CA GLY B 201 7.64 7.63 -2.73
C GLY B 201 7.76 8.82 -3.66
N TRP B 202 7.27 9.98 -3.20
CA TRP B 202 7.34 11.23 -3.95
C TRP B 202 8.80 11.65 -4.19
N VAL B 203 9.69 11.51 -3.17
CA VAL B 203 11.13 11.82 -3.31
C VAL B 203 11.72 10.99 -4.46
N LEU B 204 11.44 9.66 -4.41
CA LEU B 204 11.94 8.68 -5.38
C LEU B 204 11.41 8.87 -6.81
N GLU B 205 10.23 9.50 -6.97
CA GLU B 205 9.65 9.76 -8.29
C GLU B 205 10.56 10.57 -9.25
N SER B 206 11.39 11.49 -8.73
CA SER B 206 12.30 12.25 -9.59
C SER B 206 13.67 11.56 -9.85
N ILE B 207 13.86 10.32 -9.36
CA ILE B 207 15.08 9.57 -9.68
C ILE B 207 14.84 8.97 -11.08
N PRO B 208 15.79 9.10 -12.02
CA PRO B 208 15.56 8.52 -13.37
C PRO B 208 15.37 6.99 -13.30
N GLN B 209 14.48 6.45 -14.16
CA GLN B 209 14.20 5.02 -14.21
C GLN B 209 15.46 4.17 -14.48
N GLU B 210 16.41 4.71 -15.26
CA GLU B 210 17.66 4.02 -15.57
C GLU B 210 18.49 3.75 -14.30
N ILE B 211 18.50 4.69 -13.34
CA ILE B 211 19.17 4.50 -12.05
C ILE B 211 18.47 3.38 -11.30
N VAL B 212 17.14 3.42 -11.21
CA VAL B 212 16.36 2.39 -10.53
C VAL B 212 16.59 0.98 -11.14
N ASP B 213 16.69 0.89 -12.47
CA ASP B 213 16.91 -0.36 -13.20
C ASP B 213 18.32 -0.97 -13.07
N THR B 214 19.33 -0.15 -12.76
CA THR B 214 20.71 -0.61 -12.66
C THR B 214 21.32 -0.53 -11.25
N HIS B 215 20.63 0.13 -10.32
CA HIS B 215 21.14 0.32 -8.97
C HIS B 215 20.16 -0.17 -7.92
N GLU B 216 20.67 -0.43 -6.72
CA GLU B 216 19.85 -0.76 -5.57
C GLU B 216 19.98 0.44 -4.59
N LEU B 217 18.87 0.86 -4.00
CA LEU B 217 18.91 1.93 -3.00
C LEU B 217 19.54 1.38 -1.72
N GLN B 218 20.62 2.00 -1.26
CA GLN B 218 21.28 1.55 -0.06
C GLN B 218 20.87 2.38 1.16
N VAL B 219 20.86 3.71 1.01
CA VAL B 219 20.55 4.61 2.12
C VAL B 219 19.61 5.74 1.68
N ILE B 220 18.65 6.11 2.53
CA ILE B 220 17.79 7.26 2.32
C ILE B 220 17.66 8.01 3.66
N THR B 221 17.92 9.31 3.66
CA THR B 221 17.76 10.16 4.83
C THR B 221 16.76 11.22 4.41
N LEU B 222 15.68 11.37 5.17
CA LEU B 222 14.64 12.32 4.83
C LEU B 222 14.29 13.19 6.02
N ASP B 223 14.33 14.53 5.84
CA ASP B 223 13.91 15.53 6.80
C ASP B 223 12.45 15.91 6.46
N TYR B 224 11.63 16.09 7.49
CA TYR B 224 10.24 16.49 7.35
C TYR B 224 10.11 17.89 7.97
N ARG B 225 9.80 18.89 7.16
CA ARG B 225 9.70 20.29 7.60
C ARG B 225 8.25 20.77 7.78
N ARG B 226 7.36 20.35 6.87
CA ARG B 226 5.96 20.78 6.85
C ARG B 226 5.12 19.66 6.23
N GLU B 227 3.87 19.53 6.66
N GLU B 227 3.86 19.50 6.67
N GLU B 227 3.86 19.52 6.65
CA GLU B 227 2.99 18.49 6.12
CA GLU B 227 3.00 18.47 6.11
CA GLU B 227 2.99 18.49 6.12
C GLU B 227 2.33 18.92 4.80
C GLU B 227 2.32 18.91 4.82
C GLU B 227 2.33 18.92 4.80
N CYS B 228 2.04 17.94 3.94
CA CYS B 228 1.36 18.17 2.69
C CYS B 228 -0.13 17.92 3.04
N GLN B 229 -0.99 18.91 2.81
CA GLN B 229 -2.43 18.71 3.08
C GLN B 229 -3.03 17.83 1.97
N GLN B 230 -4.19 17.22 2.24
CA GLN B 230 -4.94 16.35 1.32
C GLN B 230 -5.19 17.02 -0.05
N ASP B 231 -5.40 18.33 -0.09
CA ASP B 231 -5.64 19.06 -1.34
C ASP B 231 -4.38 19.82 -1.91
N ASP B 232 -3.20 19.59 -1.32
CA ASP B 232 -1.96 20.21 -1.79
C ASP B 232 -1.38 19.44 -3.02
N VAL B 233 -0.54 20.11 -3.78
CA VAL B 233 0.14 19.54 -4.96
C VAL B 233 1.64 19.75 -4.74
N VAL B 234 2.46 18.73 -5.03
CA VAL B 234 3.89 18.70 -4.75
C VAL B 234 4.76 18.51 -6.00
N ASP B 235 5.94 19.12 -5.99
CA ASP B 235 6.95 18.96 -7.01
C ASP B 235 8.14 18.27 -6.35
N SER B 236 8.67 17.24 -6.98
CA SER B 236 9.80 16.45 -6.48
C SER B 236 11.05 16.77 -7.32
N LEU B 237 12.11 17.25 -6.70
CA LEU B 237 13.32 17.68 -7.39
C LEU B 237 14.54 16.85 -6.92
N THR B 238 15.43 16.50 -7.87
CA THR B 238 16.61 15.69 -7.62
C THR B 238 17.79 16.19 -8.44
N THR B 239 18.98 16.27 -7.81
CA THR B 239 20.22 16.62 -8.46
C THR B 239 21.28 15.60 -8.01
N THR B 240 22.06 15.05 -8.97
CA THR B 240 23.15 14.13 -8.65
C THR B 240 24.27 14.90 -7.96
N THR B 241 24.74 14.42 -6.79
CA THR B 241 25.85 15.07 -6.10
C THR B 241 27.17 14.28 -6.22
N SER B 242 27.12 13.01 -6.66
CA SER B 242 28.34 12.22 -6.82
C SER B 242 29.09 12.58 -8.12
N ASP B 260 29.26 4.19 -6.71
CA ASP B 260 28.02 4.59 -6.05
C ASP B 260 27.46 5.89 -6.63
N SER B 261 26.14 6.05 -6.57
CA SER B 261 25.49 7.27 -7.04
C SER B 261 24.78 7.92 -5.84
N GLN B 262 24.98 9.21 -5.63
CA GLN B 262 24.36 9.95 -4.55
C GLN B 262 23.52 11.08 -5.13
N PHE B 263 22.39 11.36 -4.49
CA PHE B 263 21.49 12.41 -4.97
C PHE B 263 21.06 13.31 -3.80
N LEU B 264 20.74 14.55 -4.11
CA LEU B 264 20.17 15.52 -3.18
C LEU B 264 18.71 15.72 -3.65
N HIS B 265 17.74 15.74 -2.71
CA HIS B 265 16.32 15.81 -3.02
C HIS B 265 15.61 16.96 -2.33
N LEU B 266 14.52 17.45 -2.95
CA LEU B 266 13.68 18.48 -2.39
C LEU B 266 12.22 18.30 -2.86
N LEU B 267 11.27 18.28 -1.91
CA LEU B 267 9.83 18.26 -2.20
C LEU B 267 9.33 19.64 -1.78
N ARG B 268 8.57 20.31 -2.64
CA ARG B 268 8.02 21.62 -2.33
C ARG B 268 6.61 21.76 -2.94
N LEU B 269 5.77 22.62 -2.37
CA LEU B 269 4.41 22.82 -2.90
C LEU B 269 4.50 23.44 -4.30
N SER B 270 3.71 22.92 -5.26
CA SER B 270 3.75 23.30 -6.69
C SER B 270 3.51 24.77 -6.95
N GLY B 271 2.73 25.40 -6.10
CA GLY B 271 2.41 26.79 -6.28
C GLY B 271 3.51 27.70 -5.78
N ASP B 272 3.45 28.03 -4.47
CA ASP B 272 4.39 28.97 -3.85
C ASP B 272 5.83 28.45 -3.65
N GLY B 273 6.08 27.16 -3.85
CA GLY B 273 7.44 26.63 -3.68
C GLY B 273 7.88 26.43 -2.24
N GLN B 274 6.92 26.42 -1.31
CA GLN B 274 7.12 26.16 0.11
C GLN B 274 7.73 24.75 0.33
N GLU B 275 8.89 24.66 1.00
CA GLU B 275 9.54 23.37 1.26
C GLU B 275 8.72 22.48 2.19
N ILE B 276 8.59 21.18 1.85
CA ILE B 276 7.93 20.25 2.75
C ILE B 276 8.95 19.22 3.27
N ASN B 277 9.91 18.80 2.41
CA ASN B 277 10.96 17.82 2.76
C ASN B 277 12.23 18.09 1.98
N ARG B 278 13.34 17.63 2.53
CA ARG B 278 14.66 17.58 1.90
C ARG B 278 15.32 16.24 2.30
N GLY B 279 16.12 15.70 1.40
CA GLY B 279 16.77 14.42 1.68
C GLY B 279 17.92 14.08 0.77
N THR B 280 18.52 12.94 1.02
CA THR B 280 19.62 12.39 0.23
C THR B 280 19.41 10.88 0.07
N THR B 281 19.87 10.33 -1.06
CA THR B 281 19.85 8.89 -1.30
C THR B 281 21.25 8.45 -1.79
N LEU B 282 21.63 7.21 -1.45
CA LEU B 282 22.88 6.61 -1.90
C LEU B 282 22.47 5.28 -2.56
N TRP B 283 22.96 5.05 -3.77
CA TRP B 283 22.61 3.88 -4.56
C TRP B 283 23.88 3.13 -4.95
N ARG B 284 23.84 1.79 -4.91
CA ARG B 284 24.97 0.94 -5.28
C ARG B 284 24.67 0.27 -6.62
N LYS B 285 25.66 0.12 -7.52
CA LYS B 285 25.45 -0.56 -8.79
C LYS B 285 25.10 -2.05 -8.53
N LYS B 286 24.07 -2.57 -9.23
CA LYS B 286 23.62 -3.95 -9.07
C LYS B 286 24.71 -4.98 -9.38
C10 YZK C . -5.13 -22.18 -8.90
C01 YZK C . -3.30 -20.78 -13.68
C02 YZK C . -4.77 -20.87 -13.89
N03 YZK C . -5.38 -20.63 -15.03
C04 YZK C . -6.74 -20.82 -14.77
C05 YZK C . -6.93 -21.17 -13.49
N06 YZK C . -5.68 -21.18 -12.89
C07 YZK C . -5.44 -21.57 -11.53
C08 YZK C . -6.07 -22.69 -11.02
C09 YZK C . -5.88 -23.01 -9.68
N11 YZK C . -4.57 -21.06 -9.35
C12 YZK C . -4.73 -20.75 -10.64
S SO4 D . -6.88 -16.51 -13.00
O1 SO4 D . -7.93 -16.09 -12.07
O2 SO4 D . -6.61 -17.95 -12.85
O3 SO4 D . -7.33 -16.24 -14.38
O4 SO4 D . -5.69 -15.69 -12.75
S SO4 E . -13.53 2.66 1.47
O1 SO4 E . -14.14 3.46 0.39
O2 SO4 E . -14.45 1.61 1.90
O3 SO4 E . -12.21 2.20 0.97
O4 SO4 E . -13.36 3.53 2.66
C10 YZK F . 6.69 2.22 23.21
C01 YZK F . 4.20 6.87 23.34
C02 YZK F . 5.62 7.25 23.54
N03 YZK F . 6.04 8.49 23.72
C04 YZK F . 7.43 8.40 23.83
C05 YZK F . 7.82 7.11 23.74
N06 YZK F . 6.68 6.36 23.52
C07 YZK F . 6.66 4.93 23.43
C08 YZK F . 7.53 4.18 24.22
C09 YZK F . 7.53 2.82 24.12
N11 YZK F . 5.87 2.92 22.41
C12 YZK F . 5.89 4.25 22.50
S SO4 G . 7.43 8.10 18.95
O1 SO4 G . 6.15 7.98 18.22
O2 SO4 G . 7.40 7.28 20.17
O3 SO4 G . 8.54 7.61 18.10
O4 SO4 G . 7.62 9.52 19.28
S SO4 H . 13.24 0.65 -4.15
O1 SO4 H . 11.92 0.83 -3.53
O2 SO4 H . 13.14 -0.27 -5.31
O3 SO4 H . 13.65 1.99 -4.63
O4 SO4 H . 14.29 0.10 -3.27
#